data_4BGQ
#
_entry.id   4BGQ
#
_cell.length_a   51.942
_cell.length_b   65.507
_cell.length_c   102.899
_cell.angle_alpha   90.00
_cell.angle_beta   90.00
_cell.angle_gamma   90.00
#
_symmetry.space_group_name_H-M   'P 21 21 21'
#
loop_
_entity.id
_entity.type
_entity.pdbx_description
1 polymer 'CYCLIN-DEPENDENT KINASE-LIKE 5'
2 non-polymer 'SODIUM ION'
3 non-polymer [4-({4-[(3-cyclopentyl-1H-pyrazol-5-yl)amino]pyrimidin-2-yl}amino)phenyl]acetonitrile
4 non-polymer 1,2-ETHANEDIOL
5 non-polymer 'ACETATE ION'
6 water water
#
_entity_poly.entity_id   1
_entity_poly.type   'polypeptide(L)'
_entity_poly.pdbx_seq_one_letter_code
;SMKIPNIGNVMNKFEILGVVGEGAYGVVLKCRHKETHEIVAIKKFKDSEENEEVKETTLRELKMLRTLKQENIVELKEAF
RRRGKLYLVFEYVEKNMLELLEEMPNGVPPEKVKSYIYQLIKAIHWCHKNDIVHRDIKPENLLISHNDVLKLCDFGFARN
LSEGNNANYDEEVATRWYRSPELLLGAPYGKSVDMWSVGCILGELSDGQPLFPGESEIDQLFTIQKVLGPLPSEQMKLFY
SNPRFHGLRFPAVNHPQSLERRYLGILNSVLLDLMKNLLKLDPADRYLTEQCLNHPTFQTQRLL
;
_entity_poly.pdbx_strand_id   A
#
# COMPACT_ATOMS: atom_id res chain seq x y z
N VAL A 10 -5.47 22.98 -21.08
CA VAL A 10 -5.79 23.65 -19.78
C VAL A 10 -7.20 23.26 -19.32
N MET A 11 -7.78 24.04 -18.41
CA MET A 11 -9.21 23.96 -18.11
C MET A 11 -9.98 24.64 -19.24
N ASN A 12 -9.21 25.27 -20.13
CA ASN A 12 -9.60 25.46 -21.51
C ASN A 12 -10.07 24.11 -22.10
N LYS A 13 -9.14 23.14 -22.22
CA LYS A 13 -9.41 21.86 -22.90
C LYS A 13 -10.17 20.79 -22.09
N PHE A 14 -10.10 20.87 -20.77
CA PHE A 14 -10.73 19.89 -19.89
C PHE A 14 -11.89 20.50 -19.13
N GLU A 15 -13.05 19.86 -19.19
CA GLU A 15 -14.19 20.21 -18.39
C GLU A 15 -14.14 19.48 -17.05
N ILE A 16 -14.36 20.21 -15.95
CA ILE A 16 -14.37 19.62 -14.60
C ILE A 16 -15.70 18.93 -14.36
N LEU A 17 -15.67 17.63 -14.05
CA LEU A 17 -16.88 16.87 -13.74
C LEU A 17 -17.13 16.75 -12.24
N GLY A 18 -16.09 16.79 -11.44
CA GLY A 18 -16.23 16.71 -9.99
C GLY A 18 -14.91 16.54 -9.27
N VAL A 19 -14.97 16.51 -7.94
CA VAL A 19 -13.78 16.37 -7.13
C VAL A 19 -13.68 14.92 -6.69
N VAL A 20 -12.55 14.30 -7.02
CA VAL A 20 -12.24 12.92 -6.62
C VAL A 20 -11.76 12.87 -5.18
N GLY A 21 -10.84 13.75 -4.84
CA GLY A 21 -10.27 13.78 -3.51
C GLY A 21 -9.53 15.07 -3.24
N GLU A 22 -9.40 15.37 -1.96
CA GLU A 22 -8.65 16.52 -1.48
C GLU A 22 -7.98 16.09 -0.19
N GLY A 23 -6.69 16.34 -0.07
CA GLY A 23 -5.99 15.98 1.15
C GLY A 23 -4.59 16.56 1.21
N ALA A 24 -3.70 15.84 1.88
CA ALA A 24 -2.28 16.19 1.93
C ALA A 24 -1.64 16.12 0.54
N TYR A 25 -2.03 15.11 -0.25
CA TYR A 25 -1.61 15.00 -1.66
C TYR A 25 -1.98 16.25 -2.48
N GLY A 26 -3.07 16.92 -2.12
CA GLY A 26 -3.53 18.11 -2.82
C GLY A 26 -4.99 17.92 -3.18
N VAL A 27 -5.31 18.09 -4.47
CA VAL A 27 -6.68 17.89 -4.96
C VAL A 27 -6.66 17.18 -6.32
N VAL A 28 -7.51 16.15 -6.43
CA VAL A 28 -7.69 15.41 -7.67
C VAL A 28 -9.09 15.66 -8.21
N LEU A 29 -9.14 16.12 -9.46
CA LEU A 29 -10.38 16.44 -10.17
C LEU A 29 -10.67 15.40 -11.26
N LYS A 30 -11.94 15.05 -11.41
CA LYS A 30 -12.39 14.17 -12.46
C LYS A 30 -12.79 15.09 -13.60
N CYS A 31 -12.18 14.90 -14.77
CA CYS A 31 -12.35 15.84 -15.89
C CYS A 31 -12.55 15.12 -17.20
N ARG A 32 -12.99 15.86 -18.22
CA ARG A 32 -13.29 15.31 -19.53
C ARG A 32 -12.70 16.22 -20.61
N HIS A 33 -11.91 15.64 -21.50
CA HIS A 33 -11.36 16.37 -22.63
C HIS A 33 -12.49 16.81 -23.57
N LYS A 34 -12.56 18.09 -23.85
CA LYS A 34 -13.66 18.66 -24.63
C LYS A 34 -13.72 18.22 -26.09
N GLU A 35 -12.56 17.93 -26.67
CA GLU A 35 -12.49 17.46 -28.07
C GLU A 35 -12.60 15.94 -28.22
N THR A 36 -11.88 15.17 -27.39
CA THR A 36 -11.84 13.71 -27.52
C THR A 36 -12.82 12.98 -26.61
N HIS A 37 -13.38 13.69 -25.63
CA HIS A 37 -14.26 13.13 -24.60
C HIS A 37 -13.61 12.08 -23.66
N GLU A 38 -12.29 11.96 -23.65
CA GLU A 38 -11.63 11.06 -22.71
C GLU A 38 -11.84 11.56 -21.28
N ILE A 39 -12.13 10.65 -20.35
CA ILE A 39 -12.23 11.03 -18.94
C ILE A 39 -10.86 10.80 -18.30
N VAL A 40 -10.39 11.78 -17.53
CA VAL A 40 -9.09 11.73 -16.88
C VAL A 40 -9.18 12.18 -15.43
N ALA A 41 -8.13 11.90 -14.65
CA ALA A 41 -7.97 12.43 -13.31
C ALA A 41 -6.87 13.47 -13.29
N ILE A 42 -7.18 14.69 -12.89
CA ILE A 42 -6.20 15.75 -12.90
C ILE A 42 -5.81 16.14 -11.49
N LYS A 43 -4.52 16.02 -11.20
CA LYS A 43 -4.01 16.40 -9.90
C LYS A 43 -3.49 17.83 -9.97
N LYS A 44 -4.13 18.71 -9.20
CA LYS A 44 -3.74 20.12 -9.08
C LYS A 44 -3.04 20.31 -7.73
N PHE A 45 -2.03 21.17 -7.73
CA PHE A 45 -1.21 21.39 -6.55
C PHE A 45 -1.61 22.70 -5.87
N LYS A 46 -1.63 22.70 -4.54
CA LYS A 46 -1.98 23.90 -3.78
C LYS A 46 -0.77 24.83 -3.65
N VAL A 54 7.10 23.00 -8.24
CA VAL A 54 7.53 21.62 -8.46
C VAL A 54 8.63 21.24 -7.48
N LYS A 55 8.51 20.07 -6.85
CA LYS A 55 9.49 19.60 -5.88
C LYS A 55 10.13 18.30 -6.34
N GLU A 56 11.26 17.96 -5.70
CA GLU A 56 12.08 16.80 -6.09
C GLU A 56 11.25 15.54 -6.15
N THR A 57 10.36 15.39 -5.18
CA THR A 57 9.53 14.21 -5.07
C THR A 57 8.69 14.04 -6.35
N THR A 58 8.09 15.12 -6.85
CA THR A 58 7.30 15.04 -8.08
C THR A 58 8.17 14.52 -9.23
N LEU A 59 9.36 15.09 -9.42
CA LEU A 59 10.25 14.67 -10.51
C LEU A 59 10.69 13.19 -10.39
N ARG A 60 10.96 12.75 -9.16
CA ARG A 60 11.33 11.36 -8.92
C ARG A 60 10.20 10.41 -9.31
N GLU A 61 8.97 10.77 -8.91
CA GLU A 61 7.78 9.96 -9.18
C GLU A 61 7.49 9.81 -10.68
N LEU A 62 7.58 10.93 -11.42
CA LEU A 62 7.32 10.88 -12.84
C LEU A 62 8.29 9.93 -13.54
N LYS A 63 9.55 9.94 -13.13
CA LYS A 63 10.53 9.01 -13.67
C LYS A 63 10.12 7.56 -13.41
N MET A 64 9.71 7.27 -12.19
CA MET A 64 9.30 5.89 -11.87
C MET A 64 8.07 5.45 -12.64
N LEU A 65 7.10 6.34 -12.77
CA LEU A 65 5.91 6.03 -13.55
C LEU A 65 6.22 5.66 -14.98
N ARG A 66 7.21 6.32 -15.58
CA ARG A 66 7.62 5.99 -16.96
C ARG A 66 8.28 4.61 -17.02
N THR A 67 9.18 4.36 -16.09
CA THR A 67 9.81 3.05 -16.00
C THR A 67 8.78 1.93 -15.84
N LEU A 68 7.77 2.18 -15.01
CA LEU A 68 6.83 1.13 -14.61
C LEU A 68 5.58 1.00 -15.50
N LYS A 69 5.51 1.76 -16.59
CA LYS A 69 4.30 1.82 -17.42
C LYS A 69 3.80 0.43 -17.75
N GLN A 70 2.57 0.15 -17.34
CA GLN A 70 1.93 -1.16 -17.48
C GLN A 70 0.46 -1.07 -17.07
N GLU A 71 -0.35 -2.05 -17.45
CA GLU A 71 -1.80 -2.02 -17.17
C GLU A 71 -2.14 -2.01 -15.67
N ASN A 72 -1.23 -2.47 -14.80
CA ASN A 72 -1.47 -2.48 -13.34
C ASN A 72 -0.78 -1.33 -12.60
N ILE A 73 -0.32 -0.34 -13.35
CA ILE A 73 0.25 0.89 -12.78
C ILE A 73 -0.49 2.08 -13.41
N VAL A 74 -0.89 3.05 -12.59
CA VAL A 74 -1.65 4.18 -13.11
C VAL A 74 -0.83 4.93 -14.14
N GLU A 75 -1.45 5.25 -15.27
CA GLU A 75 -0.74 5.92 -16.35
C GLU A 75 -0.76 7.44 -16.18
N LEU A 76 0.41 8.07 -16.26
CA LEU A 76 0.48 9.51 -16.41
C LEU A 76 0.38 9.83 -17.90
N LYS A 77 -0.54 10.71 -18.24
CA LYS A 77 -0.81 11.01 -19.64
C LYS A 77 -0.14 12.30 -20.10
N GLU A 78 -0.12 13.33 -19.26
CA GLU A 78 0.52 14.61 -19.61
C GLU A 78 0.66 15.51 -18.40
N ALA A 79 1.45 16.56 -18.55
CA ALA A 79 1.56 17.60 -17.51
C ALA A 79 1.31 18.93 -18.18
N PHE A 80 0.66 19.86 -17.48
CA PHE A 80 0.57 21.22 -17.99
C PHE A 80 0.65 22.24 -16.86
N ARG A 81 0.72 23.51 -17.25
CA ARG A 81 0.79 24.61 -16.30
C ARG A 81 -0.24 25.67 -16.64
N ARG A 82 -0.87 26.22 -15.63
CA ARG A 82 -1.73 27.39 -15.79
C ARG A 82 -1.23 28.42 -14.79
N ARG A 83 -0.60 29.47 -15.29
CA ARG A 83 -0.07 30.54 -14.46
C ARG A 83 0.86 30.00 -13.39
N GLY A 84 1.79 29.13 -13.78
CA GLY A 84 2.78 28.59 -12.84
C GLY A 84 2.34 27.42 -11.98
N LYS A 85 1.03 27.18 -11.86
CA LYS A 85 0.53 26.02 -11.12
C LYS A 85 0.67 24.76 -11.96
N LEU A 86 1.23 23.70 -11.37
CA LEU A 86 1.38 22.40 -12.05
C LEU A 86 0.09 21.55 -12.02
N TYR A 87 -0.33 21.05 -13.19
CA TYR A 87 -1.40 20.05 -13.26
C TYR A 87 -0.83 18.76 -13.89
N LEU A 88 -1.13 17.60 -13.27
CA LEU A 88 -0.72 16.29 -13.81
C LEU A 88 -1.99 15.56 -14.22
N VAL A 89 -2.02 15.09 -15.46
CA VAL A 89 -3.17 14.36 -16.01
C VAL A 89 -2.88 12.85 -16.02
N PHE A 90 -3.70 12.11 -15.27
CA PHE A 90 -3.61 10.66 -15.18
C PHE A 90 -4.81 9.97 -15.79
N GLU A 91 -4.61 8.70 -16.14
CA GLU A 91 -5.70 7.77 -16.28
C GLU A 91 -6.68 7.92 -15.11
N TYR A 92 -7.97 7.85 -15.42
CA TYR A 92 -8.99 7.86 -14.38
C TYR A 92 -9.51 6.43 -14.12
N VAL A 93 -9.53 6.04 -12.85
CA VAL A 93 -10.01 4.74 -12.40
C VAL A 93 -11.17 5.06 -11.46
N GLU A 94 -12.25 4.29 -11.54
CA GLU A 94 -13.54 4.72 -10.95
C GLU A 94 -13.54 4.77 -9.43
N LYS A 95 -12.71 3.95 -8.77
CA LYS A 95 -12.69 3.94 -7.31
C LYS A 95 -11.35 3.43 -6.78
N ASN A 96 -11.12 3.61 -5.48
CA ASN A 96 -10.05 2.92 -4.77
C ASN A 96 -10.55 1.91 -3.72
N MET A 97 -9.62 1.14 -3.18
CA MET A 97 -9.96 0.07 -2.26
C MET A 97 -10.53 0.65 -0.98
N LEU A 98 -10.05 1.81 -0.57
CA LEU A 98 -10.57 2.50 0.62
C LEU A 98 -12.08 2.77 0.50
N GLU A 99 -12.51 3.21 -0.67
CA GLU A 99 -13.94 3.46 -0.93
C GLU A 99 -14.74 2.18 -0.94
N LEU A 100 -14.15 1.16 -1.55
CA LEU A 100 -14.74 -0.15 -1.55
C LEU A 100 -14.99 -0.69 -0.13
N LEU A 101 -14.04 -0.48 0.77
CA LEU A 101 -14.19 -0.94 2.15
C LEU A 101 -15.22 -0.11 2.92
N GLU A 102 -15.41 1.16 2.52
CA GLU A 102 -16.50 1.97 3.08
C GLU A 102 -17.86 1.41 2.68
N GLU A 103 -17.98 0.96 1.43
CA GLU A 103 -19.21 0.34 0.94
C GLU A 103 -19.42 -1.06 1.52
N MET A 104 -18.34 -1.73 1.88
CA MET A 104 -18.43 -3.09 2.42
C MET A 104 -17.64 -3.20 3.72
N PRO A 105 -18.18 -2.60 4.80
CA PRO A 105 -17.40 -2.44 6.02
C PRO A 105 -17.13 -3.72 6.80
N ASN A 106 -17.71 -4.84 6.37
CA ASN A 106 -17.40 -6.13 6.99
C ASN A 106 -16.55 -7.04 6.12
N GLY A 107 -15.95 -6.48 5.07
CA GLY A 107 -15.03 -7.22 4.21
C GLY A 107 -15.68 -7.55 2.89
N VAL A 108 -14.88 -8.00 1.93
CA VAL A 108 -15.39 -8.46 0.63
C VAL A 108 -15.38 -9.99 0.58
N PRO A 109 -16.09 -10.58 -0.40
CA PRO A 109 -16.13 -12.05 -0.51
C PRO A 109 -14.73 -12.68 -0.69
N PRO A 110 -14.53 -13.92 -0.19
CA PRO A 110 -13.21 -14.55 -0.23
C PRO A 110 -12.57 -14.60 -1.63
N GLU A 111 -13.40 -14.80 -2.66
CA GLU A 111 -12.95 -14.76 -4.06
C GLU A 111 -12.33 -13.40 -4.45
N LYS A 112 -12.95 -12.30 -4.00
CA LYS A 112 -12.42 -10.97 -4.29
C LYS A 112 -11.16 -10.67 -3.50
N VAL A 113 -11.10 -11.18 -2.27
CA VAL A 113 -9.89 -11.08 -1.45
C VAL A 113 -8.74 -11.72 -2.21
N LYS A 114 -8.91 -12.95 -2.70
CA LYS A 114 -7.83 -13.62 -3.44
C LYS A 114 -7.44 -12.90 -4.72
N SER A 115 -8.43 -12.43 -5.49
CA SER A 115 -8.18 -11.73 -6.74
C SER A 115 -7.42 -10.42 -6.51
N TYR A 116 -7.85 -9.60 -5.53
CA TYR A 116 -7.13 -8.34 -5.29
C TYR A 116 -5.72 -8.59 -4.74
N ILE A 117 -5.55 -9.53 -3.82
CA ILE A 117 -4.20 -9.81 -3.29
C ILE A 117 -3.30 -10.43 -4.37
N TYR A 118 -3.85 -11.29 -5.22
CA TYR A 118 -3.09 -11.79 -6.39
C TYR A 118 -2.57 -10.63 -7.25
N GLN A 119 -3.49 -9.73 -7.59
CA GLN A 119 -3.16 -8.63 -8.50
C GLN A 119 -2.16 -7.68 -7.84
N LEU A 120 -2.32 -7.46 -6.54
CA LEU A 120 -1.41 -6.57 -5.80
C LEU A 120 -0.01 -7.16 -5.81
N ILE A 121 0.08 -8.46 -5.50
CA ILE A 121 1.36 -9.14 -5.51
C ILE A 121 2.03 -9.09 -6.90
N LYS A 122 1.25 -9.27 -7.98
CA LYS A 122 1.74 -9.18 -9.34
C LYS A 122 2.27 -7.76 -9.66
N ALA A 123 1.58 -6.74 -9.17
CA ALA A 123 2.01 -5.34 -9.43
C ALA A 123 3.30 -5.03 -8.65
N ILE A 124 3.37 -5.48 -7.41
CA ILE A 124 4.58 -5.32 -6.60
C ILE A 124 5.75 -6.09 -7.22
N HIS A 125 5.47 -7.28 -7.74
CA HIS A 125 6.47 -8.11 -8.40
C HIS A 125 7.12 -7.34 -9.56
N TRP A 126 6.29 -6.63 -10.32
CA TRP A 126 6.75 -5.79 -11.43
C TRP A 126 7.63 -4.61 -10.95
N CYS A 127 7.23 -3.94 -9.87
CA CYS A 127 8.04 -2.88 -9.28
C CYS A 127 9.41 -3.44 -8.89
N HIS A 128 9.40 -4.52 -8.12
CA HIS A 128 10.64 -5.16 -7.60
C HIS A 128 11.59 -5.65 -8.70
N LYS A 129 11.03 -6.14 -9.81
CA LYS A 129 11.81 -6.54 -10.96
C LYS A 129 12.52 -5.34 -11.56
N ASN A 130 11.91 -4.15 -11.41
CA ASN A 130 12.54 -2.90 -11.79
C ASN A 130 13.35 -2.22 -10.68
N ASP A 131 13.60 -2.96 -9.60
CA ASP A 131 14.42 -2.49 -8.48
C ASP A 131 13.78 -1.33 -7.70
N ILE A 132 12.46 -1.17 -7.81
CA ILE A 132 11.72 -0.14 -7.10
C ILE A 132 10.86 -0.73 -5.96
N VAL A 133 11.02 -0.21 -4.75
CA VAL A 133 10.10 -0.51 -3.63
C VAL A 133 9.18 0.68 -3.42
N HIS A 134 7.90 0.38 -3.27
CA HIS A 134 6.87 1.42 -3.23
C HIS A 134 6.88 2.14 -1.88
N ARG A 135 6.92 1.35 -0.80
CA ARG A 135 7.06 1.82 0.60
C ARG A 135 5.84 2.45 1.28
N ASP A 136 4.75 2.65 0.56
CA ASP A 136 3.55 3.27 1.12
C ASP A 136 2.25 2.62 0.58
N ILE A 137 2.27 1.30 0.43
CA ILE A 137 1.11 0.60 -0.11
C ILE A 137 0.02 0.66 0.96
N LYS A 138 -1.17 1.10 0.58
CA LYS A 138 -2.33 1.16 1.48
C LYS A 138 -3.62 1.21 0.66
N PRO A 139 -4.78 0.91 1.29
CA PRO A 139 -6.00 0.87 0.49
C PRO A 139 -6.28 2.14 -0.32
N GLU A 140 -5.93 3.31 0.23
CA GLU A 140 -6.17 4.58 -0.49
C GLU A 140 -5.48 4.66 -1.84
N ASN A 141 -4.31 4.04 -2.01
CA ASN A 141 -3.65 4.12 -3.30
C ASN A 141 -3.69 2.86 -4.18
N LEU A 142 -4.65 1.99 -3.89
CA LEU A 142 -4.96 0.86 -4.75
C LEU A 142 -6.25 1.17 -5.53
N LEU A 143 -6.09 1.51 -6.79
CA LEU A 143 -7.21 1.85 -7.67
C LEU A 143 -7.80 0.55 -8.21
N ILE A 144 -9.13 0.46 -8.26
CA ILE A 144 -9.82 -0.71 -8.78
C ILE A 144 -10.79 -0.32 -9.90
N SER A 145 -10.53 -0.81 -11.10
CA SER A 145 -11.34 -0.43 -12.28
C SER A 145 -12.74 -1.04 -12.25
N HIS A 146 -13.55 -0.65 -13.23
CA HIS A 146 -14.90 -1.20 -13.41
C HIS A 146 -14.82 -2.70 -13.70
N ASN A 147 -13.75 -3.14 -14.36
CA ASN A 147 -13.49 -4.57 -14.55
C ASN A 147 -12.73 -5.26 -13.39
N ASP A 148 -12.66 -4.64 -12.21
CA ASP A 148 -11.99 -5.25 -11.07
C ASP A 148 -10.48 -5.41 -11.25
N VAL A 149 -9.89 -4.57 -12.09
CA VAL A 149 -8.46 -4.54 -12.32
C VAL A 149 -7.80 -3.54 -11.36
N LEU A 150 -6.90 -4.07 -10.54
CA LEU A 150 -6.19 -3.29 -9.54
C LEU A 150 -4.98 -2.59 -10.15
N LYS A 151 -4.77 -1.33 -9.77
CA LYS A 151 -3.67 -0.52 -10.28
C LYS A 151 -3.01 0.26 -9.15
N LEU A 152 -1.69 0.39 -9.20
CA LEU A 152 -0.93 1.04 -8.14
C LEU A 152 -0.73 2.47 -8.52
N CYS A 153 -0.74 3.36 -7.52
CA CYS A 153 -0.38 4.76 -7.69
C CYS A 153 0.30 5.30 -6.42
N ASP A 154 0.64 6.59 -6.47
CA ASP A 154 1.20 7.33 -5.34
C ASP A 154 2.62 6.85 -5.01
N PHE A 155 3.56 7.09 -5.92
CA PHE A 155 4.95 6.65 -5.77
C PHE A 155 5.87 7.68 -5.10
N GLY A 156 5.30 8.59 -4.32
CA GLY A 156 6.07 9.68 -3.69
C GLY A 156 7.05 9.25 -2.59
N PHE A 157 6.83 8.08 -1.96
CA PHE A 157 7.73 7.58 -0.93
CA PHE A 157 7.72 7.57 -0.93
C PHE A 157 8.59 6.45 -1.51
N ALA A 158 8.43 6.13 -2.79
CA ALA A 158 9.13 4.99 -3.39
C ALA A 158 10.65 5.23 -3.53
N ARG A 159 11.42 4.16 -3.52
CA ARG A 159 12.87 4.26 -3.73
C ARG A 159 13.36 3.24 -4.73
N ASN A 160 14.36 3.63 -5.50
CA ASN A 160 15.11 2.69 -6.31
C ASN A 160 16.22 2.13 -5.43
N LEU A 161 16.31 0.81 -5.36
CA LEU A 161 17.27 0.14 -4.48
C LEU A 161 18.72 0.35 -4.86
N SER A 162 18.99 0.73 -6.11
CA SER A 162 20.37 0.96 -6.55
C SER A 162 20.94 2.34 -6.17
N GLU A 163 20.18 3.15 -5.44
CA GLU A 163 20.60 4.51 -5.07
C GLU A 163 20.84 4.68 -3.58
N THR A 175 -2.29 5.54 7.78
CA THR A 175 -1.13 6.39 7.51
C THR A 175 0.16 5.71 7.95
N ARG A 176 0.24 5.34 9.23
CA ARG A 176 1.29 4.43 9.72
C ARG A 176 0.79 2.99 9.82
N TRP A 177 -0.51 2.79 9.58
CA TRP A 177 -1.16 1.51 9.81
C TRP A 177 -0.63 0.34 8.96
N TYR A 178 -0.04 0.65 7.80
CA TYR A 178 0.42 -0.37 6.84
C TYR A 178 1.98 -0.49 6.76
N ARG A 179 2.69 0.17 7.69
CA ARG A 179 4.16 0.22 7.63
C ARG A 179 4.78 -0.85 8.48
N SER A 180 5.82 -1.49 7.94
CA SER A 180 6.52 -2.54 8.64
C SER A 180 7.29 -2.00 9.86
N PRO A 181 7.54 -2.88 10.84
CA PRO A 181 8.24 -2.40 12.05
C PRO A 181 9.63 -1.84 11.74
N GLU A 182 10.35 -2.46 10.78
CA GLU A 182 11.69 -2.00 10.44
C GLU A 182 11.68 -0.62 9.79
N LEU A 183 10.66 -0.31 8.98
CA LEU A 183 10.53 1.03 8.45
C LEU A 183 10.14 2.05 9.54
N LEU A 184 9.26 1.65 10.47
CA LEU A 184 8.89 2.49 11.61
C LEU A 184 10.10 2.86 12.48
N LEU A 185 11.04 1.94 12.60
CA LEU A 185 12.23 2.12 13.42
C LEU A 185 13.40 2.80 12.69
N GLY A 186 13.26 3.00 11.39
CA GLY A 186 14.26 3.70 10.60
C GLY A 186 15.34 2.78 10.06
N ALA A 187 15.09 1.49 10.02
CA ALA A 187 16.09 0.52 9.64
C ALA A 187 16.32 0.54 8.13
N PRO A 188 17.47 -0.01 7.68
CA PRO A 188 17.57 -0.27 6.26
C PRO A 188 16.45 -1.23 5.87
N TYR A 189 16.04 -1.17 4.63
CA TYR A 189 14.88 -1.89 4.18
C TYR A 189 15.16 -2.35 2.77
N GLY A 190 14.40 -3.36 2.33
CA GLY A 190 14.44 -3.80 0.96
C GLY A 190 13.03 -4.16 0.52
N LYS A 191 12.98 -5.10 -0.40
CA LYS A 191 11.71 -5.52 -1.03
C LYS A 191 10.69 -6.03 -0.01
N SER A 192 11.16 -6.56 1.12
CA SER A 192 10.30 -7.08 2.18
C SER A 192 9.33 -6.04 2.77
N VAL A 193 9.68 -4.74 2.68
CA VAL A 193 8.81 -3.68 3.21
CA VAL A 193 8.80 -3.70 3.23
C VAL A 193 7.41 -3.73 2.61
N ASP A 194 7.34 -3.97 1.30
CA ASP A 194 6.07 -3.96 0.59
C ASP A 194 5.23 -5.21 0.93
N MET A 195 5.90 -6.31 1.27
CA MET A 195 5.19 -7.55 1.59
C MET A 195 4.42 -7.45 2.89
N TRP A 196 4.96 -6.70 3.86
CA TRP A 196 4.22 -6.40 5.08
C TRP A 196 2.87 -5.75 4.77
N SER A 197 2.86 -4.70 3.94
CA SER A 197 1.62 -4.02 3.58
C SER A 197 0.57 -4.95 2.96
N VAL A 198 1.03 -5.85 2.08
CA VAL A 198 0.15 -6.89 1.53
C VAL A 198 -0.54 -7.71 2.62
N GLY A 199 0.19 -8.15 3.64
CA GLY A 199 -0.42 -8.92 4.71
C GLY A 199 -1.48 -8.11 5.46
N CYS A 200 -1.20 -6.84 5.71
CA CYS A 200 -2.17 -5.96 6.40
C CYS A 200 -3.47 -5.83 5.59
N ILE A 201 -3.34 -5.72 4.27
CA ILE A 201 -4.47 -5.52 3.40
C ILE A 201 -5.28 -6.81 3.21
N LEU A 202 -4.60 -7.95 3.16
CA LEU A 202 -5.26 -9.26 3.14
C LEU A 202 -6.25 -9.36 4.32
N GLY A 203 -5.78 -9.02 5.50
CA GLY A 203 -6.63 -9.10 6.68
C GLY A 203 -7.80 -8.16 6.58
N GLU A 204 -7.51 -6.92 6.23
CA GLU A 204 -8.55 -5.89 6.20
C GLU A 204 -9.60 -6.13 5.10
N LEU A 205 -9.20 -6.69 3.97
CA LEU A 205 -10.17 -7.06 2.94
C LEU A 205 -11.12 -8.16 3.47
N SER A 206 -10.63 -9.01 4.38
CA SER A 206 -11.40 -10.17 4.81
C SER A 206 -12.48 -9.87 5.85
N ASP A 207 -12.24 -8.94 6.76
CA ASP A 207 -13.25 -8.57 7.76
C ASP A 207 -13.58 -7.08 7.82
N GLY A 208 -13.02 -6.30 6.91
CA GLY A 208 -13.26 -4.86 6.89
C GLY A 208 -12.49 -4.02 7.90
N GLN A 209 -11.70 -4.64 8.77
CA GLN A 209 -11.07 -3.93 9.87
C GLN A 209 -9.56 -3.72 9.67
N PRO A 210 -9.07 -2.51 9.95
CA PRO A 210 -7.61 -2.34 9.94
C PRO A 210 -6.95 -3.22 11.02
N LEU A 211 -5.90 -3.92 10.65
CA LEU A 211 -5.30 -4.88 11.58
C LEU A 211 -4.48 -4.19 12.65
N PHE A 212 -3.72 -3.15 12.28
CA PHE A 212 -2.85 -2.49 13.24
C PHE A 212 -3.12 -0.98 13.31
N PRO A 213 -4.26 -0.54 13.90
CA PRO A 213 -4.58 0.90 13.89
C PRO A 213 -3.90 1.69 15.02
N GLY A 214 -2.60 1.93 14.90
CA GLY A 214 -1.87 2.67 15.94
C GLY A 214 -2.23 4.16 15.92
N GLU A 215 -2.07 4.81 17.08
CA GLU A 215 -2.36 6.24 17.26
C GLU A 215 -1.13 7.13 17.17
N SER A 216 0.05 6.52 17.12
CA SER A 216 1.32 7.22 17.07
C SER A 216 2.39 6.23 16.63
N GLU A 217 3.60 6.69 16.40
CA GLU A 217 4.69 5.81 16.00
C GLU A 217 4.91 4.73 17.08
N ILE A 218 5.02 5.15 18.34
CA ILE A 218 5.21 4.24 19.47
C ILE A 218 4.03 3.28 19.63
N ASP A 219 2.80 3.79 19.56
CA ASP A 219 1.60 2.97 19.70
C ASP A 219 1.43 1.99 18.53
N GLN A 220 2.00 2.34 17.37
CA GLN A 220 2.00 1.43 16.21
C GLN A 220 2.86 0.20 16.51
N LEU A 221 4.04 0.42 17.07
CA LEU A 221 4.88 -0.69 17.53
C LEU A 221 4.22 -1.52 18.62
N PHE A 222 3.52 -0.86 19.55
CA PHE A 222 2.72 -1.56 20.54
C PHE A 222 1.66 -2.45 19.87
N THR A 223 0.91 -1.88 18.93
CA THR A 223 -0.24 -2.58 18.34
C THR A 223 0.20 -3.81 17.56
N ILE A 224 1.34 -3.70 16.87
CA ILE A 224 1.92 -4.80 16.12
C ILE A 224 2.28 -5.95 17.06
N GLN A 225 3.00 -5.64 18.14
CA GLN A 225 3.41 -6.68 19.12
C GLN A 225 2.24 -7.29 19.86
N LYS A 226 1.17 -6.53 20.05
CA LYS A 226 -0.03 -7.04 20.72
C LYS A 226 -0.61 -8.22 19.97
N VAL A 227 -0.40 -8.25 18.65
CA VAL A 227 -0.81 -9.38 17.83
C VAL A 227 0.31 -10.42 17.67
N LEU A 228 1.52 -9.98 17.35
CA LEU A 228 2.57 -10.87 16.85
C LEU A 228 3.65 -11.19 17.89
N GLY A 229 3.56 -10.58 19.07
CA GLY A 229 4.52 -10.80 20.12
C GLY A 229 5.70 -9.84 20.02
N PRO A 230 6.71 -10.03 20.89
CA PRO A 230 7.80 -9.09 20.97
C PRO A 230 8.58 -8.97 19.67
N LEU A 231 9.06 -7.76 19.38
CA LEU A 231 9.93 -7.54 18.21
C LEU A 231 11.24 -8.31 18.30
N PRO A 232 11.80 -8.68 17.14
CA PRO A 232 13.11 -9.35 17.14
C PRO A 232 14.22 -8.49 17.74
N SER A 233 15.23 -9.18 18.26
CA SER A 233 16.39 -8.55 18.90
C SER A 233 16.94 -7.34 18.15
N GLU A 234 17.19 -7.47 16.85
CA GLU A 234 17.81 -6.37 16.09
C GLU A 234 16.94 -5.13 16.04
N GLN A 235 15.62 -5.30 15.98
CA GLN A 235 14.71 -4.16 15.95
C GLN A 235 14.67 -3.49 17.33
N MET A 236 14.69 -4.29 18.39
CA MET A 236 14.71 -3.74 19.73
C MET A 236 15.96 -2.88 19.94
N LYS A 237 17.09 -3.37 19.46
CA LYS A 237 18.33 -2.60 19.55
C LYS A 237 18.24 -1.28 18.81
N LEU A 238 17.60 -1.28 17.64
CA LEU A 238 17.39 -0.08 16.83
C LEU A 238 16.55 0.98 17.53
N PHE A 239 15.59 0.53 18.34
CA PHE A 239 14.82 1.46 19.14
C PHE A 239 15.71 2.31 20.04
N TYR A 240 16.78 1.71 20.58
CA TYR A 240 17.70 2.46 21.45
C TYR A 240 18.88 3.12 20.73
N SER A 241 19.29 2.61 19.57
CA SER A 241 20.41 3.20 18.86
C SER A 241 19.97 4.35 17.96
N ASN A 242 18.69 4.39 17.57
CA ASN A 242 18.19 5.46 16.71
C ASN A 242 17.80 6.63 17.61
N PRO A 243 18.52 7.78 17.51
CA PRO A 243 18.24 8.91 18.42
C PRO A 243 16.84 9.55 18.30
N ARG A 244 16.10 9.21 17.25
CA ARG A 244 14.70 9.61 17.13
C ARG A 244 13.88 9.21 18.36
N PHE A 245 14.23 8.10 19.00
CA PHE A 245 13.44 7.60 20.12
C PHE A 245 14.10 7.87 21.47
N HIS A 246 15.02 8.83 21.52
CA HIS A 246 15.82 9.12 22.74
C HIS A 246 14.93 9.31 23.96
N GLY A 247 15.20 8.58 25.03
CA GLY A 247 14.44 8.70 26.27
C GLY A 247 13.03 8.15 26.28
N LEU A 248 12.54 7.60 25.16
CA LEU A 248 11.15 7.12 25.13
C LEU A 248 11.04 5.72 25.72
N ARG A 249 9.84 5.40 26.17
CA ARG A 249 9.56 4.08 26.76
C ARG A 249 9.30 3.08 25.64
N PHE A 250 10.05 1.98 25.61
CA PHE A 250 9.74 0.90 24.67
C PHE A 250 8.37 0.28 25.04
N PRO A 251 7.45 0.14 24.04
CA PRO A 251 6.12 -0.35 24.37
C PRO A 251 6.12 -1.88 24.50
N ALA A 252 6.56 -2.37 25.64
CA ALA A 252 6.60 -3.80 25.90
C ALA A 252 5.20 -4.36 26.04
N VAL A 253 5.01 -5.56 25.52
CA VAL A 253 3.71 -6.19 25.42
CA VAL A 253 3.68 -6.14 25.49
C VAL A 253 3.52 -7.20 26.56
N ASN A 254 2.27 -7.31 26.99
CA ASN A 254 1.90 -8.21 28.03
C ASN A 254 1.53 -9.58 27.46
N HIS A 255 0.27 -9.74 27.01
CA HIS A 255 -0.31 -11.02 26.57
C HIS A 255 -0.59 -10.96 25.05
N PRO A 256 0.34 -11.40 24.18
CA PRO A 256 0.08 -11.25 22.73
C PRO A 256 -1.07 -12.15 22.26
N GLN A 257 -1.80 -11.72 21.24
CA GLN A 257 -3.03 -12.43 20.81
C GLN A 257 -2.82 -13.58 19.79
N SER A 258 -1.93 -13.39 18.82
CA SER A 258 -1.69 -14.31 17.68
C SER A 258 -2.67 -14.14 16.51
N LEU A 259 -2.14 -14.30 15.31
CA LEU A 259 -2.93 -14.20 14.09
C LEU A 259 -3.99 -15.32 14.02
N GLU A 260 -3.62 -16.50 14.51
CA GLU A 260 -4.55 -17.64 14.61
C GLU A 260 -5.82 -17.26 15.38
N ARG A 261 -5.63 -16.63 16.53
CA ARG A 261 -6.77 -16.12 17.31
C ARG A 261 -7.50 -14.96 16.67
N ARG A 262 -6.74 -14.01 16.14
CA ARG A 262 -7.30 -12.82 15.53
C ARG A 262 -8.17 -13.17 14.32
N TYR A 263 -7.77 -14.17 13.53
CA TYR A 263 -8.48 -14.50 12.29
C TYR A 263 -9.26 -15.82 12.26
N LEU A 264 -9.39 -16.48 13.41
CA LEU A 264 -10.27 -17.63 13.48
C LEU A 264 -11.69 -17.23 13.08
N GLY A 265 -12.28 -17.97 12.15
CA GLY A 265 -13.61 -17.64 11.65
C GLY A 265 -13.65 -16.51 10.61
N ILE A 266 -12.48 -16.00 10.22
CA ILE A 266 -12.40 -14.97 9.19
C ILE A 266 -11.60 -15.51 8.01
N LEU A 267 -10.37 -15.96 8.26
CA LEU A 267 -9.50 -16.54 7.22
C LEU A 267 -9.55 -18.08 7.24
N ASN A 268 -9.62 -18.72 6.08
CA ASN A 268 -9.36 -20.17 5.99
C ASN A 268 -7.88 -20.44 6.24
N SER A 269 -7.53 -21.73 6.41
CA SER A 269 -6.17 -22.09 6.80
C SER A 269 -5.14 -21.77 5.73
N VAL A 270 -5.56 -21.73 4.47
CA VAL A 270 -4.62 -21.46 3.36
C VAL A 270 -4.22 -19.97 3.38
N LEU A 271 -5.21 -19.08 3.49
CA LEU A 271 -4.94 -17.64 3.61
C LEU A 271 -4.25 -17.27 4.91
N LEU A 272 -4.60 -17.94 6.00
CA LEU A 272 -3.90 -17.74 7.26
C LEU A 272 -2.42 -18.07 7.13
N ASP A 273 -2.11 -19.18 6.46
CA ASP A 273 -0.72 -19.61 6.21
C ASP A 273 0.04 -18.50 5.45
N LEU A 274 -0.53 -18.02 4.35
CA LEU A 274 0.07 -16.94 3.59
C LEU A 274 0.28 -15.69 4.44
N MET A 275 -0.76 -15.29 5.17
CA MET A 275 -0.67 -14.09 6.01
CA MET A 275 -0.74 -14.13 6.10
C MET A 275 0.45 -14.14 7.05
N LYS A 276 0.60 -15.27 7.74
CA LYS A 276 1.69 -15.49 8.70
C LYS A 276 3.07 -15.29 8.11
N ASN A 277 3.23 -15.61 6.83
CA ASN A 277 4.51 -15.44 6.15
C ASN A 277 4.72 -14.10 5.43
N LEU A 278 3.66 -13.32 5.31
CA LEU A 278 3.79 -11.92 4.91
C LEU A 278 4.08 -11.03 6.11
N LEU A 279 3.55 -11.41 7.28
CA LEU A 279 3.65 -10.61 8.49
C LEU A 279 4.70 -11.15 9.48
N LYS A 280 5.78 -11.75 8.96
CA LYS A 280 6.92 -12.06 9.79
C LYS A 280 7.59 -10.77 10.28
N LEU A 281 7.91 -10.69 11.57
CA LEU A 281 8.46 -9.43 12.09
C LEU A 281 9.85 -9.12 11.52
N ASP A 282 10.67 -10.15 11.40
CA ASP A 282 11.98 -10.04 10.80
C ASP A 282 11.82 -10.05 9.27
N PRO A 283 12.20 -8.96 8.59
CA PRO A 283 11.96 -8.85 7.12
C PRO A 283 12.65 -9.97 6.31
N ALA A 284 13.75 -10.50 6.83
CA ALA A 284 14.47 -11.64 6.24
C ALA A 284 13.65 -12.94 6.18
N ASP A 285 12.64 -13.09 7.04
CA ASP A 285 11.76 -14.27 7.02
C ASP A 285 10.48 -14.13 6.13
N ARG A 286 10.22 -12.93 5.60
CA ARG A 286 8.99 -12.69 4.83
C ARG A 286 9.11 -13.29 3.46
N TYR A 287 8.05 -13.89 2.97
CA TYR A 287 7.98 -14.30 1.57
C TYR A 287 8.00 -13.06 0.67
N LEU A 288 8.84 -13.10 -0.36
CA LEU A 288 8.80 -12.09 -1.40
C LEU A 288 7.87 -12.59 -2.51
N THR A 289 7.77 -11.83 -3.60
CA THR A 289 6.64 -12.02 -4.53
C THR A 289 6.62 -13.39 -5.25
N GLU A 290 7.76 -13.85 -5.74
CA GLU A 290 7.78 -15.11 -6.49
C GLU A 290 7.31 -16.29 -5.62
N GLN A 291 7.77 -16.30 -4.38
CA GLN A 291 7.43 -17.36 -3.43
C GLN A 291 5.96 -17.31 -3.09
N CYS A 292 5.42 -16.11 -2.91
CA CYS A 292 3.99 -15.91 -2.73
C CYS A 292 3.15 -16.48 -3.87
N LEU A 293 3.57 -16.24 -5.10
CA LEU A 293 2.83 -16.68 -6.26
C LEU A 293 2.90 -18.21 -6.44
N ASN A 294 3.83 -18.86 -5.75
CA ASN A 294 3.92 -20.33 -5.72
C ASN A 294 3.19 -20.94 -4.52
N HIS A 295 2.55 -20.10 -3.71
CA HIS A 295 1.83 -20.54 -2.55
C HIS A 295 0.50 -21.19 -2.96
N PRO A 296 0.02 -22.18 -2.17
CA PRO A 296 -1.30 -22.75 -2.46
C PRO A 296 -2.46 -21.77 -2.66
N THR A 297 -2.41 -20.62 -2.01
CA THR A 297 -3.43 -19.59 -2.18
C THR A 297 -3.71 -19.32 -3.68
N PHE A 298 -2.65 -19.26 -4.48
CA PHE A 298 -2.77 -18.89 -5.88
C PHE A 298 -2.65 -20.07 -6.84
N GLN A 299 -2.08 -21.16 -6.36
CA GLN A 299 -1.82 -22.34 -7.19
C GLN A 299 -3.00 -23.33 -7.21
N THR A 300 -3.86 -23.30 -6.18
CA THR A 300 -5.02 -24.17 -6.17
C THR A 300 -6.03 -23.68 -7.21
N GLN A 301 -6.80 -24.61 -7.75
CA GLN A 301 -7.87 -24.32 -8.72
C GLN A 301 -9.17 -24.90 -8.15
N ARG A 302 -10.18 -24.04 -7.95
CA ARG A 302 -11.55 -24.47 -7.60
C ARG A 302 -11.97 -25.63 -8.47
N LEU A 303 -12.68 -26.58 -7.88
CA LEU A 303 -12.86 -27.92 -8.48
C LEU A 303 -13.82 -27.91 -9.66
#